data_2P0S
#
_entry.id   2P0S
#
_cell.length_a   36.880
_cell.length_b   59.965
_cell.length_c   110.035
_cell.angle_alpha   90.00
_cell.angle_beta   90.00
_cell.angle_gamma   90.00
#
_symmetry.space_group_name_H-M   'P 21 21 21'
#
loop_
_entity.id
_entity.type
_entity.pdbx_description
1 polymer 'ABC transporter, permease protein, putative'
2 non-polymer 'MAGNESIUM ION'
3 non-polymer 'ACETATE ION'
4 non-polymer 'FORMIC ACID'
5 water water
#
_entity_poly.entity_id   1
_entity_poly.type   'polypeptide(L)'
_entity_poly.pdbx_seq_one_letter_code
;SNAQLGGD(MSE)KTIAIADRTGEYEQLFKENDEFRFVHAEKTAEEYRK(MSE)GADKSGIDAVLEIRQDLLEDPNAVAI
YGYKQLPASVSNHISRILSDYLSDKKIASYNIPDIKQILADSKIELSVHTYKWSEDGTNERTSGELASGIS
;
_entity_poly.pdbx_strand_id   A,B
#
loop_
_chem_comp.id
_chem_comp.type
_chem_comp.name
_chem_comp.formula
ACT non-polymer 'ACETATE ION' 'C2 H3 O2 -1'
FMT non-polymer 'FORMIC ACID' 'C H2 O2'
MG non-polymer 'MAGNESIUM ION' 'Mg 2'
#
# COMPACT_ATOMS: atom_id res chain seq x y z
N ASP A 8 -2.05 15.74 -8.78
CA ASP A 8 -1.77 15.83 -7.30
C ASP A 8 -1.09 14.53 -6.74
N MSE A 9 -0.25 13.90 -7.57
CA MSE A 9 0.81 12.97 -7.04
C MSE A 9 1.86 13.81 -6.31
O MSE A 9 2.33 14.87 -6.86
CB MSE A 9 1.54 12.20 -8.16
CG MSE A 9 1.32 10.70 -8.23
SE MSE A 9 2.33 10.07 -9.73
CE MSE A 9 1.90 11.67 -10.77
N LYS A 10 2.27 13.34 -5.11
CA LYS A 10 3.48 13.92 -4.51
C LYS A 10 4.71 13.46 -5.16
N THR A 11 5.70 14.37 -5.22
CA THR A 11 7.02 14.12 -5.76
C THR A 11 7.94 13.78 -4.61
N ILE A 12 8.58 12.62 -4.67
CA ILE A 12 9.54 12.26 -3.61
C ILE A 12 10.93 12.05 -4.17
N ALA A 13 11.90 12.82 -3.70
CA ALA A 13 13.25 12.70 -4.22
C ALA A 13 13.91 11.57 -3.42
N ILE A 14 14.66 10.70 -4.08
CA ILE A 14 15.32 9.58 -3.40
C ILE A 14 16.79 9.88 -3.25
N ALA A 15 17.27 9.93 -1.99
CA ALA A 15 18.72 10.18 -1.66
C ALA A 15 19.26 8.88 -1.06
N ASP A 16 19.64 7.97 -1.93
CA ASP A 16 20.08 6.61 -1.51
C ASP A 16 21.59 6.50 -1.64
N ARG A 17 22.29 6.55 -0.50
CA ARG A 17 23.80 6.53 -0.47
C ARG A 17 24.34 5.21 -0.95
N THR A 18 23.48 4.19 -1.03
CA THR A 18 23.96 2.87 -1.45
C THR A 18 23.86 2.56 -2.91
N GLY A 19 23.08 3.33 -3.70
CA GLY A 19 22.83 3.00 -5.10
C GLY A 19 22.03 1.72 -5.38
N GLU A 20 21.59 0.99 -4.30
CA GLU A 20 20.81 -0.20 -4.54
C GLU A 20 19.27 -0.03 -4.77
N TYR A 21 18.64 1.02 -4.14
CA TYR A 21 17.21 0.95 -3.94
C TYR A 21 16.38 1.81 -4.91
N GLU A 22 17.01 2.80 -5.58
CA GLU A 22 16.09 3.64 -6.45
C GLU A 22 15.41 2.84 -7.56
N GLN A 23 16.09 1.74 -8.00
CA GLN A 23 15.58 0.90 -9.14
C GLN A 23 14.20 0.38 -8.75
N LEU A 24 13.91 0.22 -7.41
CA LEU A 24 12.66 -0.29 -6.96
C LEU A 24 11.46 0.60 -7.15
N PHE A 25 11.73 1.88 -7.50
CA PHE A 25 10.67 2.90 -7.50
C PHE A 25 10.47 3.40 -8.88
N LYS A 26 11.07 2.76 -9.90
CA LYS A 26 10.97 3.39 -11.26
C LYS A 26 9.56 3.17 -11.86
N GLU A 27 8.94 2.03 -11.47
CA GLU A 27 7.60 1.66 -12.01
C GLU A 27 6.33 1.95 -11.11
N ASN A 28 6.40 2.96 -10.25
CA ASN A 28 5.41 3.13 -9.20
C ASN A 28 4.12 3.91 -9.65
N ASP A 29 2.94 3.46 -9.23
CA ASP A 29 1.74 4.17 -9.68
C ASP A 29 1.01 5.08 -8.68
N GLU A 30 1.68 5.37 -7.56
CA GLU A 30 1.12 6.22 -6.52
C GLU A 30 1.82 7.57 -6.28
N PHE A 31 3.17 7.56 -6.39
CA PHE A 31 4.00 8.72 -6.13
C PHE A 31 4.98 8.97 -7.32
N ARG A 32 5.46 10.19 -7.40
N ARG A 32 5.39 10.21 -7.53
CA ARG A 32 6.34 10.58 -8.47
CA ARG A 32 6.40 10.52 -8.56
C ARG A 32 7.81 10.57 -7.95
C ARG A 32 7.69 10.42 -7.79
N PHE A 33 8.54 9.47 -8.17
CA PHE A 33 9.87 9.41 -7.63
C PHE A 33 10.93 10.00 -8.54
N VAL A 34 11.85 10.77 -7.97
CA VAL A 34 12.99 11.28 -8.71
C VAL A 34 14.27 11.14 -8.02
N HIS A 35 15.41 11.31 -8.69
CA HIS A 35 16.75 11.16 -8.07
C HIS A 35 17.01 12.40 -7.32
N ALA A 36 17.43 12.30 -6.08
CA ALA A 36 17.90 13.50 -5.34
C ALA A 36 19.16 14.07 -5.92
N GLU A 37 19.09 15.33 -6.34
CA GLU A 37 20.25 16.07 -6.73
C GLU A 37 20.86 16.93 -5.63
N LYS A 38 20.20 17.10 -4.48
CA LYS A 38 20.69 17.88 -3.34
C LYS A 38 20.49 16.98 -2.12
N THR A 39 20.98 17.37 -0.95
CA THR A 39 20.73 16.67 0.27
C THR A 39 19.38 17.00 0.81
N ALA A 40 18.92 16.14 1.74
CA ALA A 40 17.70 16.45 2.45
C ALA A 40 17.73 17.85 3.09
N GLU A 41 18.82 18.21 3.79
CA GLU A 41 18.94 19.52 4.45
C GLU A 41 18.93 20.62 3.40
N GLU A 42 19.59 20.43 2.28
CA GLU A 42 19.43 21.51 1.26
C GLU A 42 18.07 21.68 0.71
N TYR A 43 17.36 20.59 0.37
CA TYR A 43 15.98 20.70 -0.03
C TYR A 43 15.13 21.37 1.09
N ARG A 44 15.39 21.06 2.35
CA ARG A 44 14.66 21.72 3.40
C ARG A 44 14.81 23.25 3.33
N LYS A 45 16.05 23.69 3.26
CA LYS A 45 16.36 25.13 3.31
C LYS A 45 15.74 25.85 2.10
N MSE A 46 15.74 25.23 0.94
CA MSE A 46 15.37 25.95 -0.28
C MSE A 46 13.85 26.07 -0.32
O MSE A 46 13.26 27.02 -0.90
CB MSE A 46 16.04 25.35 -1.51
CG MSE A 46 15.23 24.39 -2.22
SE MSE A 46 16.18 23.51 -3.68
CE MSE A 46 16.19 24.91 -5.01
N GLY A 47 13.19 25.20 0.43
CA GLY A 47 11.74 25.19 0.50
C GLY A 47 10.98 24.64 -0.71
N ALA A 48 9.67 24.39 -0.50
CA ALA A 48 8.90 23.60 -1.46
C ALA A 48 8.83 24.34 -2.81
N ASP A 49 8.62 25.65 -2.78
CA ASP A 49 8.50 26.29 -4.08
C ASP A 49 9.78 26.24 -4.87
N LYS A 50 10.93 26.36 -4.25
CA LYS A 50 12.09 26.27 -5.09
C LYS A 50 12.38 24.86 -5.60
N SER A 51 12.21 23.83 -4.72
CA SER A 51 12.73 22.50 -5.01
C SER A 51 11.84 21.73 -5.97
N GLY A 52 10.54 22.06 -6.06
CA GLY A 52 9.60 21.20 -6.83
C GLY A 52 9.31 19.78 -6.28
N ILE A 53 9.81 19.45 -5.07
CA ILE A 53 9.41 18.13 -4.47
C ILE A 53 8.60 18.34 -3.19
N ASP A 54 7.94 17.25 -2.71
CA ASP A 54 7.18 17.25 -1.45
C ASP A 54 7.96 16.59 -0.30
N ALA A 55 8.89 15.68 -0.61
CA ALA A 55 9.53 14.83 0.44
C ALA A 55 10.84 14.26 -0.11
N VAL A 56 11.68 13.79 0.82
CA VAL A 56 12.88 13.09 0.49
C VAL A 56 12.87 11.74 1.20
N LEU A 57 13.03 10.69 0.40
CA LEU A 57 13.40 9.34 1.00
C LEU A 57 14.90 9.29 1.07
N GLU A 58 15.42 9.14 2.36
CA GLU A 58 16.79 9.23 2.57
C GLU A 58 17.22 7.83 3.05
N ILE A 59 18.16 7.21 2.33
CA ILE A 59 18.69 5.86 2.65
C ILE A 59 20.19 5.98 2.85
N ARG A 60 20.68 5.63 4.06
CA ARG A 60 21.99 5.97 4.45
C ARG A 60 22.91 4.76 4.53
N GLN A 61 22.37 3.53 4.53
CA GLN A 61 23.18 2.34 4.66
C GLN A 61 22.36 1.17 4.10
N ASP A 62 23.09 0.12 3.71
CA ASP A 62 22.47 -1.13 3.29
C ASP A 62 21.50 -1.55 4.40
N LEU A 63 20.23 -1.78 4.05
CA LEU A 63 19.11 -1.94 5.03
C LEU A 63 19.10 -3.32 5.58
N LEU A 64 19.94 -4.16 4.97
CA LEU A 64 20.16 -5.47 5.62
C LEU A 64 21.11 -5.40 6.77
N GLU A 65 22.10 -4.53 6.75
CA GLU A 65 23.08 -4.30 7.84
C GLU A 65 22.46 -3.40 8.86
N ASP A 66 21.80 -2.33 8.47
CA ASP A 66 21.14 -1.47 9.42
C ASP A 66 19.75 -1.04 8.94
N PRO A 67 18.71 -1.78 9.32
CA PRO A 67 17.34 -1.48 8.75
C PRO A 67 16.79 -0.15 9.19
N ASN A 68 17.42 0.47 10.18
CA ASN A 68 16.94 1.76 10.69
C ASN A 68 17.48 2.96 9.95
N ALA A 69 18.35 2.74 8.94
CA ALA A 69 19.23 3.72 8.38
C ALA A 69 18.37 4.30 7.20
N VAL A 70 17.13 4.57 7.49
CA VAL A 70 16.21 5.15 6.38
C VAL A 70 15.18 6.04 7.08
N ALA A 71 14.69 7.09 6.37
CA ALA A 71 13.72 7.94 6.95
C ALA A 71 13.14 8.74 5.77
N ILE A 72 11.90 9.31 5.90
CA ILE A 72 11.22 10.16 4.83
C ILE A 72 11.01 11.50 5.56
N TYR A 73 11.40 12.57 4.86
CA TYR A 73 11.15 13.91 5.36
C TYR A 73 10.26 14.62 4.44
N GLY A 74 9.26 15.33 4.97
CA GLY A 74 8.51 16.18 4.09
C GLY A 74 8.36 17.63 4.56
N TYR A 75 8.03 18.58 3.65
CA TYR A 75 7.69 19.97 4.09
C TYR A 75 6.41 20.02 4.96
N LYS A 76 5.35 19.25 4.57
CA LYS A 76 4.09 19.14 5.29
C LYS A 76 4.02 17.73 5.91
N GLN A 77 3.11 17.50 6.84
CA GLN A 77 2.75 16.16 7.24
C GLN A 77 2.32 15.35 6.05
N LEU A 78 2.82 14.13 5.98
CA LEU A 78 2.51 13.23 4.88
C LEU A 78 1.54 12.18 5.39
N PRO A 79 0.64 11.66 4.52
CA PRO A 79 -0.28 10.58 4.89
C PRO A 79 0.50 9.32 5.24
N ALA A 80 -0.03 8.45 6.09
CA ALA A 80 0.76 7.28 6.48
C ALA A 80 1.04 6.38 5.29
N SER A 81 0.19 6.45 4.29
CA SER A 81 0.30 5.74 3.02
C SER A 81 1.68 5.81 2.35
N VAL A 82 2.34 6.97 2.38
CA VAL A 82 3.67 7.21 1.80
C VAL A 82 4.66 6.27 2.51
N SER A 83 4.78 6.31 3.82
CA SER A 83 5.72 5.38 4.50
C SER A 83 5.26 3.95 4.32
N ASN A 84 3.94 3.73 4.44
N ASN A 84 3.95 3.72 4.42
CA ASN A 84 3.35 2.37 4.23
CA ASN A 84 3.46 2.33 4.35
C ASN A 84 3.94 1.73 3.00
C ASN A 84 3.72 1.64 2.98
N HIS A 85 3.70 2.40 1.89
CA HIS A 85 3.97 1.96 0.50
C HIS A 85 5.46 1.76 0.30
N ILE A 86 6.25 2.75 0.70
CA ILE A 86 7.69 2.73 0.56
C ILE A 86 8.26 1.60 1.44
N SER A 87 7.77 1.46 2.63
CA SER A 87 8.30 0.40 3.59
C SER A 87 8.06 -1.02 3.01
N ARG A 88 6.89 -1.21 2.41
CA ARG A 88 6.56 -2.55 1.82
C ARG A 88 7.39 -2.84 0.58
N ILE A 89 7.67 -1.83 -0.24
CA ILE A 89 8.45 -2.02 -1.45
C ILE A 89 9.87 -2.44 -0.99
N LEU A 90 10.46 -1.73 0.01
CA LEU A 90 11.82 -1.96 0.42
C LEU A 90 11.80 -3.34 1.08
N SER A 91 10.77 -3.58 1.87
CA SER A 91 10.73 -4.90 2.67
C SER A 91 10.66 -6.12 1.80
N ASP A 92 9.92 -5.97 0.70
CA ASP A 92 9.70 -7.14 -0.15
C ASP A 92 11.01 -7.38 -0.88
N TYR A 93 11.66 -6.30 -1.36
CA TYR A 93 12.96 -6.46 -1.97
C TYR A 93 14.01 -7.17 -1.04
N LEU A 94 14.13 -6.68 0.19
CA LEU A 94 15.17 -7.19 1.12
C LEU A 94 14.86 -8.62 1.48
N SER A 95 13.58 -8.90 1.69
CA SER A 95 13.15 -10.32 1.98
C SER A 95 13.56 -11.25 0.82
N ASP A 96 13.18 -10.84 -0.37
CA ASP A 96 13.53 -11.61 -1.54
C ASP A 96 15.05 -11.78 -1.77
N LYS A 97 15.84 -10.72 -1.47
CA LYS A 97 17.26 -10.82 -1.61
C LYS A 97 17.76 -11.89 -0.64
N LYS A 98 17.26 -11.87 0.58
CA LYS A 98 17.72 -12.91 1.55
C LYS A 98 17.26 -14.29 1.13
N ILE A 99 16.02 -14.43 0.70
CA ILE A 99 15.50 -15.75 0.23
C ILE A 99 16.40 -16.26 -0.91
N ALA A 100 16.71 -15.39 -1.88
CA ALA A 100 17.50 -15.83 -3.01
C ALA A 100 18.91 -16.28 -2.71
N SER A 101 19.45 -16.01 -1.49
CA SER A 101 20.81 -16.36 -1.09
C SER A 101 20.88 -17.87 -0.64
N TYR A 102 19.70 -18.53 -0.46
CA TYR A 102 19.70 -20.00 -0.06
C TYR A 102 19.96 -20.82 -1.32
N ASN A 103 20.15 -22.10 -1.17
CA ASN A 103 20.57 -22.92 -2.30
C ASN A 103 19.34 -23.53 -2.96
N ILE A 104 18.65 -22.78 -3.80
CA ILE A 104 17.50 -23.30 -4.34
C ILE A 104 17.51 -23.00 -5.83
N PRO A 105 17.39 -24.01 -6.66
CA PRO A 105 17.61 -23.75 -8.09
C PRO A 105 16.50 -22.92 -8.61
N ASP A 106 16.86 -21.99 -9.48
CA ASP A 106 15.80 -21.13 -10.13
C ASP A 106 15.00 -20.24 -9.13
N ILE A 107 15.64 -19.95 -7.98
CA ILE A 107 14.92 -19.20 -6.95
C ILE A 107 14.46 -17.82 -7.49
N LYS A 108 15.28 -17.16 -8.27
CA LYS A 108 14.75 -15.83 -8.76
C LYS A 108 13.51 -15.98 -9.55
N GLN A 109 13.43 -17.02 -10.40
CA GLN A 109 12.23 -17.24 -11.23
C GLN A 109 11.06 -17.61 -10.35
N ILE A 110 11.30 -18.52 -9.39
CA ILE A 110 10.26 -18.86 -8.50
C ILE A 110 9.73 -17.65 -7.68
N LEU A 111 10.60 -16.80 -7.15
CA LEU A 111 10.16 -15.64 -6.39
C LEU A 111 9.28 -14.78 -7.34
N ALA A 112 9.81 -14.60 -8.55
CA ALA A 112 8.98 -13.73 -9.43
C ALA A 112 7.59 -14.26 -9.75
N ASP A 113 7.52 -15.57 -9.99
CA ASP A 113 6.32 -16.26 -10.33
C ASP A 113 5.40 -16.34 -9.17
N SER A 114 5.91 -16.12 -7.95
CA SER A 114 5.04 -16.30 -6.78
C SER A 114 4.39 -15.01 -6.38
N LYS A 115 4.69 -13.86 -7.10
CA LYS A 115 4.11 -12.61 -6.70
C LYS A 115 2.70 -12.60 -7.20
N ILE A 116 1.83 -12.12 -6.32
CA ILE A 116 0.43 -11.94 -6.62
C ILE A 116 0.22 -10.43 -6.69
N GLU A 117 -0.44 -9.98 -7.78
CA GLU A 117 -0.71 -8.52 -7.90
C GLU A 117 -2.21 -8.39 -8.06
N LEU A 118 -2.93 -8.19 -6.94
CA LEU A 118 -4.37 -8.18 -6.95
C LEU A 118 -4.72 -6.73 -6.94
N SER A 119 -5.49 -6.28 -7.89
CA SER A 119 -6.06 -4.91 -7.85
C SER A 119 -7.59 -5.04 -7.55
N VAL A 120 -8.00 -4.54 -6.40
CA VAL A 120 -9.34 -4.77 -5.91
C VAL A 120 -10.30 -3.90 -6.70
N HIS A 121 -11.30 -4.55 -7.30
CA HIS A 121 -12.32 -3.80 -8.10
C HIS A 121 -13.15 -2.96 -7.16
N THR A 122 -13.29 -1.64 -7.51
CA THR A 122 -13.89 -0.72 -6.62
C THR A 122 -15.05 -0.14 -7.38
N TYR A 123 -16.21 -0.16 -6.73
CA TYR A 123 -17.49 0.26 -7.37
C TYR A 123 -18.17 1.38 -6.61
N LYS A 124 -18.87 2.27 -7.30
CA LYS A 124 -19.83 3.17 -6.66
C LYS A 124 -21.26 2.49 -6.78
N TRP A 125 -22.04 2.41 -5.67
CA TRP A 125 -23.41 1.88 -5.77
C TRP A 125 -24.24 2.79 -6.68
N SER A 126 -24.96 2.16 -7.57
CA SER A 126 -25.84 2.93 -8.43
C SER A 126 -26.99 3.58 -7.67
N GLU A 127 -27.49 4.73 -8.13
CA GLU A 127 -28.62 5.36 -7.38
C GLU A 127 -29.64 6.03 -8.26
N THR A 134 -32.50 13.53 -9.97
CA THR A 134 -32.57 13.68 -11.42
C THR A 134 -33.01 15.04 -12.07
N SER A 135 -33.17 16.16 -11.32
CA SER A 135 -33.96 17.41 -11.85
C SER A 135 -33.74 18.04 -13.30
N GLY A 136 -32.50 18.21 -13.71
CA GLY A 136 -32.18 18.78 -15.05
C GLY A 136 -32.04 17.74 -16.13
N GLU A 137 -32.36 16.47 -15.79
CA GLU A 137 -32.06 15.39 -16.78
C GLU A 137 -33.35 14.70 -17.22
N LEU A 138 -33.83 15.02 -18.43
CA LEU A 138 -35.02 14.33 -18.91
C LEU A 138 -34.99 12.80 -18.84
N ALA A 139 -36.14 12.16 -18.53
CA ALA A 139 -36.20 10.72 -18.61
C ALA A 139 -36.16 10.16 -20.04
N SER A 140 -36.02 8.84 -20.17
CA SER A 140 -36.17 8.26 -21.48
C SER A 140 -37.58 8.59 -22.13
N GLY A 141 -37.63 8.77 -23.43
CA GLY A 141 -38.91 9.00 -24.10
C GLY A 141 -39.73 7.73 -24.28
N ILE A 142 -39.07 6.61 -24.05
CA ILE A 142 -39.76 5.32 -24.23
C ILE A 142 -40.48 4.91 -22.91
N SER A 143 -39.95 5.26 -21.77
CA SER A 143 -40.70 5.17 -20.49
C SER A 143 -41.84 6.22 -20.25
N ASP B 8 -9.68 13.34 3.46
CA ASP B 8 -9.43 13.09 4.95
C ASP B 8 -9.52 11.58 5.39
N MSE B 9 -9.74 11.29 6.67
CA MSE B 9 -9.81 9.87 7.12
C MSE B 9 -11.02 9.14 6.50
O MSE B 9 -12.07 9.71 6.30
CB MSE B 9 -9.76 9.80 8.65
CG MSE B 9 -9.80 8.41 9.34
SE MSE B 9 -10.14 8.74 11.28
CE MSE B 9 -8.22 8.78 11.66
N LYS B 10 -10.86 7.90 6.04
CA LYS B 10 -11.96 7.19 5.39
C LYS B 10 -12.18 6.02 6.28
N THR B 11 -13.45 5.69 6.44
CA THR B 11 -13.84 4.46 7.16
C THR B 11 -14.31 3.35 6.25
N ILE B 12 -13.68 2.14 6.40
CA ILE B 12 -13.93 1.07 5.48
C ILE B 12 -14.37 -0.14 6.35
N ALA B 13 -15.62 -0.61 6.12
CA ALA B 13 -16.07 -1.81 6.90
C ALA B 13 -15.55 -3.05 6.16
N ILE B 14 -15.17 -4.14 6.90
CA ILE B 14 -14.72 -5.28 6.22
C ILE B 14 -15.64 -6.49 6.56
N ALA B 15 -16.10 -7.16 5.49
CA ALA B 15 -16.96 -8.33 5.56
C ALA B 15 -16.06 -9.43 4.96
N ASP B 16 -15.22 -10.05 5.81
CA ASP B 16 -14.32 -11.08 5.31
C ASP B 16 -14.90 -12.41 5.77
N ARG B 17 -15.51 -13.14 4.86
CA ARG B 17 -16.21 -14.38 5.20
C ARG B 17 -15.18 -15.41 5.69
N THR B 18 -13.95 -15.32 5.20
CA THR B 18 -12.95 -16.35 5.56
C THR B 18 -12.31 -16.25 6.94
N GLY B 19 -12.38 -15.03 7.47
CA GLY B 19 -11.57 -14.62 8.64
C GLY B 19 -10.08 -14.66 8.50
N GLU B 20 -9.55 -14.88 7.28
CA GLU B 20 -8.09 -14.90 7.06
C GLU B 20 -7.39 -13.53 6.90
N TYR B 21 -8.18 -12.66 6.29
CA TYR B 21 -7.62 -11.37 5.80
C TYR B 21 -7.92 -10.11 6.75
N GLU B 22 -9.01 -10.17 7.49
CA GLU B 22 -9.47 -9.03 8.27
C GLU B 22 -8.34 -8.56 9.28
N GLN B 23 -7.57 -9.50 9.89
CA GLN B 23 -6.50 -9.14 10.77
C GLN B 23 -5.34 -8.32 10.17
N LEU B 24 -5.25 -8.20 8.82
CA LEU B 24 -4.16 -7.55 8.16
C LEU B 24 -4.34 -6.05 8.14
N PHE B 25 -5.52 -5.57 8.58
CA PHE B 25 -5.90 -4.11 8.28
C PHE B 25 -5.74 -3.35 9.56
N LYS B 26 -4.78 -2.41 9.63
CA LYS B 26 -4.52 -1.65 10.89
C LYS B 26 -5.08 -0.22 10.79
N GLU B 27 -5.44 0.32 11.93
CA GLU B 27 -6.10 1.61 12.05
C GLU B 27 -5.35 2.95 11.82
N ASN B 28 -4.54 3.12 10.75
CA ASN B 28 -3.77 4.43 10.46
C ASN B 28 -4.53 5.84 10.54
N ASP B 29 -3.95 6.92 9.98
CA ASP B 29 -4.54 8.30 10.09
C ASP B 29 -5.49 8.56 8.97
N GLU B 30 -5.21 7.87 7.85
CA GLU B 30 -5.99 8.01 6.68
C GLU B 30 -7.06 6.98 6.75
N PHE B 31 -6.87 5.88 7.47
CA PHE B 31 -7.89 4.81 7.31
C PHE B 31 -8.32 4.18 8.57
N ARG B 32 -9.63 4.05 8.74
CA ARG B 32 -10.17 3.32 9.85
C ARG B 32 -10.89 2.12 9.29
N PHE B 33 -10.53 0.94 9.76
CA PHE B 33 -11.12 -0.34 9.33
C PHE B 33 -11.96 -0.86 10.44
N VAL B 34 -13.16 -1.25 10.19
CA VAL B 34 -14.11 -1.71 11.18
C VAL B 34 -14.76 -3.01 10.69
N HIS B 35 -15.32 -3.79 11.61
CA HIS B 35 -15.91 -5.04 11.22
C HIS B 35 -17.27 -4.71 10.64
N ALA B 36 -17.54 -5.26 9.47
CA ALA B 36 -18.93 -5.13 8.89
C ALA B 36 -20.04 -5.71 9.69
N GLU B 37 -21.06 -4.93 10.03
N GLU B 37 -21.01 -4.86 10.00
CA GLU B 37 -22.21 -5.53 10.74
CA GLU B 37 -22.20 -5.21 10.80
C GLU B 37 -23.50 -5.61 9.92
C GLU B 37 -23.50 -5.33 10.02
N LYS B 38 -23.44 -5.05 8.70
CA LYS B 38 -24.58 -5.08 7.83
C LYS B 38 -24.06 -5.62 6.46
N THR B 39 -24.99 -6.01 5.61
CA THR B 39 -24.64 -6.45 4.26
C THR B 39 -24.36 -5.25 3.44
N ALA B 40 -23.73 -5.48 2.27
CA ALA B 40 -23.46 -4.31 1.40
C ALA B 40 -24.78 -3.60 1.11
N GLU B 41 -25.85 -4.33 0.78
CA GLU B 41 -27.13 -3.67 0.42
C GLU B 41 -27.72 -2.94 1.59
N GLU B 42 -27.58 -3.49 2.78
CA GLU B 42 -28.06 -2.77 3.98
C GLU B 42 -27.27 -1.48 4.18
N TYR B 43 -25.95 -1.52 4.04
CA TYR B 43 -25.13 -0.26 4.12
C TYR B 43 -25.59 0.68 3.02
N ARG B 44 -25.80 0.17 1.87
CA ARG B 44 -26.11 1.04 0.69
C ARG B 44 -27.35 1.84 1.00
N LYS B 45 -28.38 1.15 1.47
CA LYS B 45 -29.72 1.74 1.64
C LYS B 45 -29.69 2.76 2.79
N MSE B 46 -28.89 2.44 3.83
CA MSE B 46 -28.86 3.35 5.01
C MSE B 46 -28.19 4.72 4.75
O MSE B 46 -28.58 5.73 5.38
CB MSE B 46 -28.44 2.64 6.31
CG MSE B 46 -27.07 2.72 6.52
SE MSE B 46 -26.62 1.37 7.96
CE MSE B 46 -26.85 2.42 9.54
N GLY B 47 -27.35 4.79 3.74
CA GLY B 47 -26.59 5.97 3.39
C GLY B 47 -25.48 6.29 4.36
N ALA B 48 -24.52 7.08 3.90
CA ALA B 48 -23.29 7.47 4.56
C ALA B 48 -23.48 8.20 5.87
N ASP B 49 -24.44 9.16 5.88
CA ASP B 49 -24.75 9.85 7.16
C ASP B 49 -25.09 8.86 8.26
N LYS B 50 -25.88 7.84 7.95
CA LYS B 50 -26.32 6.94 8.97
C LYS B 50 -25.29 5.81 9.28
N SER B 51 -24.66 5.26 8.26
CA SER B 51 -23.71 4.16 8.49
C SER B 51 -22.44 4.65 9.09
N GLY B 52 -22.00 5.84 8.74
CA GLY B 52 -20.69 6.24 9.27
C GLY B 52 -19.51 5.58 8.58
N ILE B 53 -19.76 4.90 7.41
CA ILE B 53 -18.67 4.34 6.61
C ILE B 53 -18.61 4.99 5.24
N ASP B 54 -17.45 4.89 4.60
CA ASP B 54 -17.25 5.39 3.18
C ASP B 54 -17.36 4.28 2.19
N ALA B 55 -17.06 3.00 2.67
CA ALA B 55 -17.14 1.93 1.70
C ALA B 55 -17.06 0.61 2.52
N VAL B 56 -17.41 -0.46 1.81
CA VAL B 56 -17.25 -1.83 2.46
C VAL B 56 -16.43 -2.70 1.57
N LEU B 57 -15.53 -3.44 2.19
CA LEU B 57 -14.67 -4.44 1.56
C LEU B 57 -15.27 -5.78 1.79
N GLU B 58 -15.64 -6.46 0.69
CA GLU B 58 -16.33 -7.74 0.75
C GLU B 58 -15.39 -8.87 0.23
N ILE B 59 -15.08 -9.94 1.07
CA ILE B 59 -14.26 -10.97 0.57
C ILE B 59 -14.99 -12.31 0.88
N ARG B 60 -15.22 -13.09 -0.18
CA ARG B 60 -16.13 -14.24 -0.10
C ARG B 60 -15.32 -15.49 0.21
N GLN B 61 -14.14 -15.58 -0.40
CA GLN B 61 -13.40 -16.86 -0.29
C GLN B 61 -11.89 -16.65 -0.51
N ASP B 62 -11.07 -17.66 -0.16
CA ASP B 62 -9.62 -17.66 -0.40
C ASP B 62 -9.26 -17.04 -1.77
N LEU B 63 -8.53 -15.94 -1.71
CA LEU B 63 -8.25 -15.16 -2.92
C LEU B 63 -7.17 -15.82 -3.79
N LEU B 64 -6.43 -16.85 -3.24
CA LEU B 64 -5.62 -17.64 -4.15
C LEU B 64 -6.44 -18.63 -4.94
N GLU B 65 -7.54 -19.06 -4.39
CA GLU B 65 -8.46 -19.88 -5.12
C GLU B 65 -9.34 -19.15 -6.14
N ASP B 66 -9.81 -17.97 -5.79
CA ASP B 66 -10.59 -17.18 -6.72
C ASP B 66 -10.27 -15.66 -6.45
N PRO B 67 -9.28 -15.11 -7.17
CA PRO B 67 -9.05 -13.70 -6.90
C PRO B 67 -10.10 -12.71 -7.24
N ASN B 68 -11.15 -13.21 -7.84
CA ASN B 68 -12.27 -12.28 -8.25
C ASN B 68 -13.23 -12.17 -7.03
N ALA B 69 -13.00 -12.95 -5.94
CA ALA B 69 -13.97 -12.97 -4.85
C ALA B 69 -13.80 -11.84 -3.84
N VAL B 70 -13.29 -10.69 -4.28
CA VAL B 70 -13.16 -9.55 -3.40
C VAL B 70 -13.61 -8.34 -4.27
N ALA B 71 -14.22 -7.44 -3.56
CA ALA B 71 -14.74 -6.16 -4.18
C ALA B 71 -14.90 -5.10 -3.14
N ILE B 72 -14.92 -3.81 -3.57
CA ILE B 72 -15.16 -2.71 -2.64
C ILE B 72 -16.33 -1.93 -3.22
N TYR B 73 -17.30 -1.61 -2.38
CA TYR B 73 -18.47 -0.79 -2.76
C TYR B 73 -18.46 0.51 -1.88
N GLY B 74 -18.72 1.68 -2.53
CA GLY B 74 -18.79 2.89 -1.75
C GLY B 74 -19.97 3.73 -2.28
N TYR B 75 -20.39 4.69 -1.45
CA TYR B 75 -21.49 5.60 -1.86
C TYR B 75 -21.02 6.53 -2.96
N LYS B 76 -19.78 6.97 -2.87
CA LYS B 76 -19.15 7.76 -3.87
C LYS B 76 -18.05 7.02 -4.59
N GLN B 77 -17.57 7.59 -5.69
CA GLN B 77 -16.38 7.08 -6.31
C GLN B 77 -15.20 7.40 -5.37
N LEU B 78 -14.45 6.38 -4.99
CA LEU B 78 -13.42 6.59 -3.97
C LEU B 78 -12.09 6.94 -4.65
N PRO B 79 -11.21 7.70 -3.99
CA PRO B 79 -9.90 8.03 -4.58
C PRO B 79 -9.11 6.73 -4.79
N ALA B 80 -8.27 6.69 -5.80
CA ALA B 80 -7.47 5.45 -6.04
C ALA B 80 -6.63 4.94 -4.83
N SER B 81 -6.25 5.85 -3.94
CA SER B 81 -5.45 5.44 -2.78
C SER B 81 -6.10 4.40 -1.91
N VAL B 82 -7.42 4.48 -1.81
CA VAL B 82 -8.17 3.54 -0.99
C VAL B 82 -7.90 2.11 -1.50
N SER B 83 -8.24 1.85 -2.77
CA SER B 83 -8.04 0.49 -3.27
C SER B 83 -6.58 0.21 -3.42
N ASN B 84 -5.74 1.25 -3.73
CA ASN B 84 -4.27 0.95 -3.81
C ASN B 84 -3.79 0.42 -2.50
N HIS B 85 -4.20 1.05 -1.39
CA HIS B 85 -3.68 0.58 -0.05
C HIS B 85 -4.22 -0.78 0.22
N ILE B 86 -5.51 -1.01 -0.03
CA ILE B 86 -6.07 -2.35 0.37
C ILE B 86 -5.46 -3.42 -0.55
N SER B 87 -5.41 -3.12 -1.83
CA SER B 87 -4.81 -4.08 -2.75
C SER B 87 -3.39 -4.43 -2.40
N ARG B 88 -2.55 -3.46 -1.99
CA ARG B 88 -1.18 -3.80 -1.67
C ARG B 88 -1.15 -4.68 -0.39
N ILE B 89 -1.98 -4.36 0.62
CA ILE B 89 -2.05 -5.20 1.83
C ILE B 89 -2.41 -6.68 1.45
N LEU B 90 -3.46 -6.86 0.67
CA LEU B 90 -3.83 -8.21 0.22
C LEU B 90 -2.75 -8.84 -0.65
N SER B 91 -2.23 -8.12 -1.63
CA SER B 91 -1.21 -8.69 -2.56
C SER B 91 0.01 -9.16 -1.74
N ASP B 92 0.53 -8.33 -0.79
CA ASP B 92 1.73 -8.78 0.00
C ASP B 92 1.41 -10.09 0.68
N TYR B 93 0.24 -10.16 1.28
CA TYR B 93 -0.12 -11.38 2.08
C TYR B 93 -0.24 -12.59 1.15
N LEU B 94 -0.92 -12.43 0.03
CA LEU B 94 -1.13 -13.55 -0.94
C LEU B 94 0.18 -13.99 -1.58
N SER B 95 1.08 -13.06 -1.87
CA SER B 95 2.41 -13.43 -2.40
C SER B 95 3.14 -14.27 -1.35
N ASP B 96 3.09 -13.85 -0.09
CA ASP B 96 3.77 -14.66 1.00
C ASP B 96 3.19 -16.04 1.04
N LYS B 97 1.85 -16.12 0.94
CA LYS B 97 1.14 -17.42 1.11
C LYS B 97 1.55 -18.34 -0.08
N LYS B 98 1.57 -17.77 -1.31
CA LYS B 98 1.92 -18.61 -2.45
C LYS B 98 3.41 -19.11 -2.33
N ILE B 99 4.41 -18.30 -1.96
CA ILE B 99 5.75 -18.78 -1.96
C ILE B 99 5.78 -19.81 -0.79
N ALA B 100 4.99 -19.54 0.26
CA ALA B 100 5.03 -20.47 1.42
C ALA B 100 4.46 -21.87 1.08
N SER B 101 3.75 -21.99 -0.04
CA SER B 101 3.19 -23.29 -0.46
C SER B 101 4.29 -24.17 -1.17
N TYR B 102 5.44 -23.56 -1.53
CA TYR B 102 6.38 -24.19 -2.49
C TYR B 102 6.98 -25.44 -1.95
N ASN B 103 7.28 -26.47 -2.79
CA ASN B 103 7.70 -27.81 -2.24
C ASN B 103 9.25 -27.82 -2.16
N ILE B 104 9.72 -27.03 -1.18
CA ILE B 104 11.15 -27.02 -0.67
C ILE B 104 11.07 -27.28 0.80
N PRO B 105 11.74 -28.33 1.33
CA PRO B 105 11.30 -28.85 2.65
C PRO B 105 11.36 -27.81 3.79
N ASP B 106 12.32 -26.91 3.70
CA ASP B 106 12.46 -25.94 4.82
C ASP B 106 12.02 -24.53 4.34
N ILE B 107 11.10 -24.46 3.36
CA ILE B 107 10.76 -23.08 2.90
C ILE B 107 10.20 -22.21 4.00
N LYS B 108 9.45 -22.78 4.95
CA LYS B 108 8.84 -21.91 5.94
C LYS B 108 9.89 -21.31 6.88
N GLN B 109 10.91 -22.10 7.28
CA GLN B 109 12.04 -21.57 8.03
C GLN B 109 12.73 -20.45 7.22
N ILE B 110 12.91 -20.70 5.93
CA ILE B 110 13.70 -19.78 5.07
C ILE B 110 12.91 -18.48 4.99
N LEU B 111 11.61 -18.61 4.77
CA LEU B 111 10.79 -17.39 4.66
C LEU B 111 10.78 -16.61 5.96
N ALA B 112 10.63 -17.30 7.10
CA ALA B 112 10.58 -16.62 8.38
C ALA B 112 11.92 -15.96 8.71
N ASP B 113 13.01 -16.72 8.47
CA ASP B 113 14.36 -16.22 8.74
C ASP B 113 14.67 -14.97 7.88
N SER B 114 14.10 -14.90 6.70
CA SER B 114 14.41 -13.86 5.70
C SER B 114 13.47 -12.73 5.80
N LYS B 115 12.45 -12.90 6.62
CA LYS B 115 11.42 -11.86 6.70
C LYS B 115 11.91 -10.55 7.26
N ILE B 116 11.64 -9.46 6.56
CA ILE B 116 12.06 -8.13 7.02
C ILE B 116 10.80 -7.30 6.83
N GLU B 117 10.46 -6.50 7.84
CA GLU B 117 9.23 -5.69 7.83
C GLU B 117 9.64 -4.35 8.39
N LEU B 118 9.95 -3.43 7.46
CA LEU B 118 10.30 -2.08 7.87
C LEU B 118 9.02 -1.31 8.05
N SER B 119 9.15 -0.33 8.92
CA SER B 119 8.23 0.75 9.19
C SER B 119 9.07 2.03 9.13
N VAL B 120 9.28 2.51 7.92
CA VAL B 120 10.08 3.71 7.75
C VAL B 120 9.45 4.95 8.47
N HIS B 121 10.21 5.62 9.34
CA HIS B 121 9.72 6.84 10.03
C HIS B 121 9.61 7.99 9.04
N THR B 122 8.48 8.62 9.19
CA THR B 122 8.24 9.79 8.35
C THR B 122 8.19 11.00 9.29
N TYR B 123 8.80 12.11 8.87
CA TYR B 123 8.93 13.26 9.74
C TYR B 123 8.51 14.46 8.88
N LYS B 124 8.16 15.51 9.58
CA LYS B 124 7.99 16.81 8.93
C LYS B 124 9.32 17.59 9.27
N TRP B 125 10.04 18.11 8.28
CA TRP B 125 11.25 18.84 8.55
C TRP B 125 10.97 20.03 9.49
N SER B 126 12.02 20.44 10.23
CA SER B 126 11.87 21.60 11.12
C SER B 126 11.71 22.80 10.19
N GLU B 127 11.03 23.80 10.71
CA GLU B 127 10.67 24.92 9.82
C GLU B 127 11.79 25.90 9.71
N ASP B 128 11.92 26.48 8.53
CA ASP B 128 13.08 27.32 8.39
C ASP B 128 12.56 28.73 8.18
N GLY B 129 11.26 28.84 7.89
CA GLY B 129 10.66 30.10 7.45
C GLY B 129 10.37 31.10 8.56
MG MG C . 25.23 -3.77 0.42
C ACT D . 0.22 1.56 0.25
O ACT D . 0.42 2.20 -0.86
OXT ACT D . -0.64 2.09 0.96
CH3 ACT D . 0.92 0.33 0.72
C FMT E . -4.59 -11.84 -8.92
O1 FMT E . -4.30 -13.08 -8.66
O2 FMT E . -5.35 -11.22 -9.81
C FMT F . 9.80 22.10 7.19
O1 FMT F . 10.50 22.89 6.42
O2 FMT F . 8.56 21.83 7.28
#